data_6U18
#
_entry.id   6U18
#
_cell.length_a   42.897
_cell.length_b   53.161
_cell.length_c   158.815
_cell.angle_alpha   90.000
_cell.angle_beta   90.000
_cell.angle_gamma   90.000
#
_symmetry.space_group_name_H-M   'P 21 21 21'
#
loop_
_entity.id
_entity.type
_entity.pdbx_description
1 polymer 'Erythromycin resistance repressor protein'
2 non-polymer CLARITHROMYCIN
3 non-polymer 'CITRATE ANION'
4 water water
#
_entity_poly.entity_id   1
_entity_poly.type   'polypeptide(L)'
_entity_poly.pdbx_seq_one_letter_code
;MPRPKLKSDDEVLEAATVVLKRCGPIEFTLSGVAKEVGLSRAALIQRFTNRDTLLVRMMERGVEQVRHYLNAIPIGAGPQ
GLWEFLQVLVRSMNTRNDFSVNYLISWYELQVPELRTLAIQTNRAVVEGIRNRLPPGAPAAAELLLHSVITGATMQWAVD
PDGELADHVLAQIAAILCLMFPEQDDFQLLQAHA
;
_entity_poly.pdbx_strand_id   A,B
#
loop_
_chem_comp.id
_chem_comp.type
_chem_comp.name
_chem_comp.formula
CTY non-polymer CLARITHROMYCIN 'C38 H69 N O13'
FLC non-polymer 'CITRATE ANION' 'C6 H5 O7 -3'
#
# COMPACT_ATOMS: atom_id res chain seq x y z
N LEU A 6 18.44 14.07 31.93
CA LEU A 6 18.30 15.18 30.99
C LEU A 6 17.40 14.78 29.83
N LYS A 7 17.72 13.67 29.17
CA LYS A 7 16.89 13.14 28.07
C LYS A 7 16.88 11.62 28.18
N SER A 8 15.72 11.05 28.50
CA SER A 8 15.61 9.62 28.70
C SER A 8 15.64 8.87 27.37
N ASP A 9 15.81 7.56 27.45
CA ASP A 9 15.81 6.73 26.25
C ASP A 9 14.51 6.89 25.47
N ASP A 10 13.37 6.92 26.18
CA ASP A 10 12.10 7.08 25.49
C ASP A 10 12.00 8.45 24.83
N GLU A 11 12.55 9.48 25.46
CA GLU A 11 12.59 10.80 24.83
C GLU A 11 13.46 10.76 23.57
N VAL A 12 14.54 9.98 23.61
CA VAL A 12 15.37 9.84 22.41
C VAL A 12 14.58 9.17 21.28
N LEU A 13 13.88 8.09 21.60
CA LEU A 13 13.10 7.40 20.58
C LEU A 13 12.04 8.32 19.96
N GLU A 14 11.44 9.20 20.79
CA GLU A 14 10.45 10.13 20.27
C GLU A 14 11.08 11.11 19.29
N ALA A 15 12.18 11.75 19.69
CA ALA A 15 12.86 12.68 18.79
C ALA A 15 13.33 11.96 17.53
N ALA A 16 13.87 10.75 17.68
CA ALA A 16 14.31 9.99 16.52
C ALA A 16 13.15 9.73 15.55
N THR A 17 11.94 9.55 16.09
CA THR A 17 10.78 9.35 15.22
C THR A 17 10.45 10.62 14.45
N VAL A 18 10.64 11.79 15.07
CA VAL A 18 10.47 13.05 14.35
C VAL A 18 11.44 13.12 13.18
N VAL A 19 12.70 12.76 13.43
CA VAL A 19 13.71 12.80 12.37
C VAL A 19 13.35 11.81 11.27
N LEU A 20 12.94 10.61 11.63
CA LEU A 20 12.59 9.60 10.64
C LEU A 20 11.45 10.09 9.74
N LYS A 21 10.38 10.61 10.34
CA LYS A 21 9.26 11.09 9.54
C LYS A 21 9.66 12.29 8.69
N ARG A 22 10.58 13.11 9.18
CA ARG A 22 10.99 14.31 8.45
C ARG A 22 11.93 13.99 7.31
N CYS A 23 12.95 13.17 7.56
CA CYS A 23 14.03 12.94 6.62
C CYS A 23 13.94 11.61 5.89
N GLY A 24 13.11 10.69 6.35
CA GLY A 24 13.02 9.38 5.75
C GLY A 24 14.10 8.45 6.28
N PRO A 25 13.92 7.14 6.09
CA PRO A 25 14.86 6.18 6.67
C PRO A 25 16.23 6.18 6.03
N ILE A 26 16.38 6.74 4.82
CA ILE A 26 17.65 6.69 4.12
C ILE A 26 18.58 7.81 4.57
N GLU A 27 18.05 9.03 4.72
CA GLU A 27 18.81 10.15 5.23
C GLU A 27 18.82 10.23 6.76
N PHE A 28 18.08 9.32 7.41
CA PHE A 28 18.09 9.25 8.88
C PHE A 28 19.51 9.01 9.38
N THR A 29 19.96 9.86 10.30
CA THR A 29 21.30 9.74 10.86
C THR A 29 21.26 10.01 12.37
N LEU A 30 22.27 9.47 13.07
CA LEU A 30 22.41 9.76 14.49
C LEU A 30 22.68 11.24 14.73
N SER A 31 23.45 11.88 13.84
CA SER A 31 23.67 13.31 13.95
C SER A 31 22.36 14.08 13.91
N GLY A 32 21.42 13.65 13.06
CA GLY A 32 20.12 14.29 13.02
C GLY A 32 19.35 14.11 14.32
N VAL A 33 19.34 12.88 14.84
CA VAL A 33 18.66 12.64 16.11
C VAL A 33 19.32 13.42 17.23
N ALA A 34 20.66 13.42 17.26
CA ALA A 34 21.39 14.18 18.25
C ALA A 34 20.95 15.64 18.26
N LYS A 35 20.90 16.26 17.08
CA LYS A 35 20.48 17.65 16.98
C LYS A 35 19.06 17.85 17.46
N GLU A 36 18.16 16.94 17.09
CA GLU A 36 16.75 17.09 17.44
C GLU A 36 16.53 16.94 18.95
N VAL A 37 17.14 15.93 19.56
CA VAL A 37 16.87 15.64 20.96
C VAL A 37 17.77 16.43 21.91
N GLY A 38 18.89 16.95 21.42
CA GLY A 38 19.77 17.76 22.25
C GLY A 38 20.84 17.00 22.99
N LEU A 39 21.27 15.86 22.47
CA LEU A 39 22.39 15.12 23.02
C LEU A 39 23.50 15.04 21.98
N SER A 40 24.71 14.72 22.42
CA SER A 40 25.82 14.53 21.51
C SER A 40 25.70 13.18 20.80
N ARG A 41 26.23 13.14 19.58
CA ARG A 41 26.25 11.88 18.83
C ARG A 41 26.96 10.79 19.62
N ALA A 42 28.05 11.14 20.30
CA ALA A 42 28.76 10.16 21.12
C ALA A 42 27.84 9.59 22.20
N ALA A 43 27.01 10.43 22.80
CA ALA A 43 26.07 9.95 23.82
C ALA A 43 25.07 8.96 23.21
N LEU A 44 24.63 9.22 21.98
CA LEU A 44 23.69 8.31 21.33
C LEU A 44 24.37 7.00 20.97
N ILE A 45 25.63 7.04 20.55
CA ILE A 45 26.36 5.81 20.26
C ILE A 45 26.58 5.02 21.53
N GLN A 46 26.85 5.70 22.64
CA GLN A 46 27.01 5.03 23.93
C GLN A 46 25.75 4.26 24.31
N ARG A 47 24.58 4.73 23.89
CA ARG A 47 23.31 4.19 24.35
C ARG A 47 22.55 3.38 23.30
N PHE A 48 22.86 3.55 22.01
CA PHE A 48 22.15 2.84 20.95
C PHE A 48 23.09 2.25 19.91
N THR A 49 24.41 2.32 20.13
CA THR A 49 25.40 1.68 19.27
C THR A 49 25.52 2.35 17.91
N ASN A 50 24.45 2.35 17.10
CA ASN A 50 24.51 2.95 15.77
C ASN A 50 23.10 3.22 15.26
N ARG A 51 23.02 3.83 14.09
CA ARG A 51 21.72 4.26 13.56
C ARG A 51 20.79 3.08 13.31
N ASP A 52 21.33 1.96 12.81
CA ASP A 52 20.49 0.81 12.52
C ASP A 52 19.87 0.26 13.80
N THR A 53 20.67 0.11 14.84
CA THR A 53 20.14 -0.39 16.11
C THR A 53 19.12 0.57 16.70
N LEU A 54 19.32 1.87 16.52
CA LEU A 54 18.33 2.83 16.98
C LEU A 54 17.01 2.66 16.24
N LEU A 55 17.09 2.38 14.93
CA LEU A 55 15.87 2.13 14.17
C LEU A 55 15.16 0.89 14.69
N VAL A 56 15.90 -0.18 14.99
CA VAL A 56 15.30 -1.38 15.56
C VAL A 56 14.57 -1.05 16.87
N ARG A 57 15.24 -0.34 17.78
CA ARG A 57 14.61 0.01 19.04
C ARG A 57 13.37 0.87 18.81
N MET A 58 13.42 1.75 17.83
CA MET A 58 12.25 2.56 17.48
C MET A 58 11.08 1.68 17.06
N MET A 59 11.34 0.69 16.21
CA MET A 59 10.26 -0.16 15.73
C MET A 59 9.78 -1.13 16.80
N GLU A 60 10.67 -1.55 17.70
CA GLU A 60 10.22 -2.35 18.86
C GLU A 60 9.25 -1.55 19.72
N ARG A 61 9.60 -0.31 20.06
CA ARG A 61 8.68 0.56 20.76
C ARG A 61 7.38 0.73 19.98
N GLY A 62 7.48 0.87 18.65
CA GLY A 62 6.29 1.07 17.84
C GLY A 62 5.29 -0.06 17.97
N VAL A 63 5.77 -1.30 18.08
CA VAL A 63 4.86 -2.44 18.21
C VAL A 63 4.04 -2.31 19.49
N GLU A 64 4.70 -1.97 20.60
CA GLU A 64 3.98 -1.81 21.85
C GLU A 64 3.02 -0.63 21.78
N GLN A 65 3.43 0.45 21.13
CA GLN A 65 2.58 1.64 21.07
C GLN A 65 1.32 1.38 20.24
N VAL A 66 1.46 0.65 19.13
CA VAL A 66 0.28 0.33 18.33
C VAL A 66 -0.71 -0.48 19.16
N ARG A 67 -0.23 -1.53 19.83
CA ARG A 67 -1.11 -2.39 20.60
C ARG A 67 -1.79 -1.60 21.71
N HIS A 68 -1.03 -0.79 22.43
CA HIS A 68 -1.62 0.02 23.50
C HIS A 68 -2.61 1.03 22.95
N TYR A 69 -2.30 1.63 21.80
CA TYR A 69 -3.23 2.58 21.21
C TYR A 69 -4.54 1.89 20.82
N LEU A 70 -4.45 0.77 20.12
CA LEU A 70 -5.65 0.05 19.71
C LEU A 70 -6.45 -0.41 20.92
N ASN A 71 -5.77 -0.94 21.95
CA ASN A 71 -6.47 -1.37 23.15
C ASN A 71 -7.23 -0.22 23.80
N ALA A 72 -6.70 1.01 23.70
CA ALA A 72 -7.27 2.14 24.43
C ALA A 72 -8.46 2.76 23.72
N ILE A 73 -8.70 2.45 22.45
CA ILE A 73 -9.89 3.01 21.77
C ILE A 73 -11.14 2.51 22.50
N PRO A 74 -12.10 3.38 22.80
CA PRO A 74 -13.28 2.94 23.55
C PRO A 74 -13.90 1.68 22.98
N ILE A 75 -14.37 0.82 23.88
CA ILE A 75 -14.91 -0.49 23.50
C ILE A 75 -16.43 -0.38 23.42
N GLY A 76 -16.98 -0.73 22.25
CA GLY A 76 -18.41 -0.73 22.06
C GLY A 76 -18.95 -2.12 21.77
N ALA A 77 -20.23 -2.21 21.44
CA ALA A 77 -20.90 -3.49 21.23
C ALA A 77 -21.42 -3.60 19.81
N GLY A 78 -21.44 -4.82 19.29
CA GLY A 78 -22.07 -5.11 18.03
C GLY A 78 -21.37 -4.48 16.84
N PRO A 79 -22.00 -4.55 15.67
CA PRO A 79 -21.42 -3.90 14.49
C PRO A 79 -21.16 -2.41 14.68
N GLN A 80 -22.01 -1.71 15.43
CA GLN A 80 -21.79 -0.30 15.65
C GLN A 80 -20.50 -0.05 16.41
N GLY A 81 -20.19 -0.89 17.40
CA GLY A 81 -18.92 -0.77 18.09
C GLY A 81 -17.74 -0.95 17.16
N LEU A 82 -17.83 -1.93 16.26
CA LEU A 82 -16.80 -2.09 15.23
C LEU A 82 -16.69 -0.85 14.38
N TRP A 83 -17.83 -0.35 13.88
CA TRP A 83 -17.84 0.85 13.05
C TRP A 83 -17.19 2.03 13.76
N GLU A 84 -17.53 2.22 15.04
CA GLU A 84 -16.96 3.33 15.81
C GLU A 84 -15.45 3.16 15.99
N PHE A 85 -15.01 1.94 16.30
CA PHE A 85 -13.57 1.68 16.43
C PHE A 85 -12.85 1.96 15.12
N LEU A 86 -13.40 1.51 14.00
CA LEU A 86 -12.74 1.72 12.71
C LEU A 86 -12.68 3.21 12.35
N GLN A 87 -13.70 3.98 12.71
CA GLN A 87 -13.66 5.42 12.46
C GLN A 87 -12.48 6.07 13.17
N VAL A 88 -12.29 5.73 14.45
CA VAL A 88 -11.20 6.30 15.22
C VAL A 88 -9.85 5.90 14.63
N LEU A 89 -9.70 4.61 14.29
CA LEU A 89 -8.46 4.13 13.71
C LEU A 89 -8.13 4.87 12.42
N VAL A 90 -9.12 5.05 11.55
CA VAL A 90 -8.86 5.68 10.25
C VAL A 90 -8.54 7.15 10.43
N ARG A 91 -9.27 7.84 11.30
CA ARG A 91 -9.03 9.27 11.51
C ARG A 91 -7.70 9.55 12.21
N SER A 92 -7.06 8.53 12.78
CA SER A 92 -5.77 8.77 13.45
C SER A 92 -4.64 9.05 12.47
N MET A 93 -4.84 8.76 11.18
CA MET A 93 -3.83 9.05 10.18
C MET A 93 -3.90 10.53 9.81
N ASN A 94 -2.85 11.27 10.12
CA ASN A 94 -2.79 12.70 9.89
C ASN A 94 -2.04 12.96 8.58
N THR A 95 -2.79 13.26 7.52
CA THR A 95 -2.19 13.45 6.21
C THR A 95 -1.43 14.77 6.09
N ARG A 96 -1.47 15.62 7.10
CA ARG A 96 -0.76 16.88 7.09
C ARG A 96 0.53 16.85 7.90
N ASN A 97 0.89 15.68 8.43
CA ASN A 97 2.09 15.51 9.27
C ASN A 97 2.95 14.39 8.66
N ASP A 98 3.65 14.72 7.58
CA ASP A 98 4.56 13.78 6.95
C ASP A 98 3.88 12.43 6.73
N PHE A 99 3.07 12.32 5.68
CA PHE A 99 2.30 11.10 5.44
C PHE A 99 2.92 10.23 4.35
N SER A 100 3.30 10.82 3.21
CA SER A 100 3.86 10.03 2.13
CA SER A 100 3.86 10.03 2.13
C SER A 100 5.10 9.26 2.57
N VAL A 101 5.86 9.81 3.53
CA VAL A 101 7.07 9.14 4.00
C VAL A 101 6.75 7.76 4.58
N ASN A 102 5.51 7.53 5.02
CA ASN A 102 5.15 6.22 5.55
C ASN A 102 5.50 5.10 4.57
N TYR A 103 5.32 5.35 3.28
CA TYR A 103 5.53 4.31 2.27
C TYR A 103 7.00 4.04 2.03
N LEU A 104 7.85 5.06 2.13
CA LEU A 104 9.29 4.82 2.06
C LEU A 104 9.77 4.07 3.29
N ILE A 105 9.26 4.43 4.46
CA ILE A 105 9.61 3.71 5.69
C ILE A 105 9.26 2.24 5.56
N SER A 106 8.04 1.95 5.06
CA SER A 106 7.61 0.56 4.94
C SER A 106 8.53 -0.20 3.99
N TRP A 107 8.79 0.34 2.80
CA TRP A 107 9.69 -0.32 1.86
C TRP A 107 11.04 -0.60 2.51
N TYR A 108 11.62 0.42 3.14
CA TYR A 108 12.92 0.28 3.77
C TYR A 108 12.92 -0.87 4.77
N GLU A 109 11.92 -0.90 5.65
CA GLU A 109 11.83 -1.95 6.66
C GLU A 109 11.87 -3.34 6.03
N LEU A 110 11.22 -3.50 4.88
CA LEU A 110 11.21 -4.80 4.21
C LEU A 110 12.57 -5.20 3.67
N GLN A 111 13.53 -4.27 3.61
CA GLN A 111 14.87 -4.57 3.12
C GLN A 111 15.81 -5.06 4.21
N VAL A 112 15.48 -4.80 5.47
CA VAL A 112 16.34 -5.14 6.61
C VAL A 112 15.61 -6.22 7.41
N PRO A 113 16.12 -7.46 7.46
CA PRO A 113 15.39 -8.53 8.14
C PRO A 113 14.96 -8.20 9.57
N GLU A 114 15.87 -7.65 10.38
CA GLU A 114 15.49 -7.30 11.74
C GLU A 114 14.33 -6.31 11.77
N LEU A 115 14.28 -5.41 10.79
CA LEU A 115 13.19 -4.44 10.73
C LEU A 115 11.93 -5.05 10.13
N ARG A 116 12.09 -5.91 9.12
CA ARG A 116 10.92 -6.54 8.50
C ARG A 116 10.13 -7.34 9.53
N THR A 117 10.83 -8.06 10.40
CA THR A 117 10.15 -8.80 11.46
C THR A 117 9.27 -7.87 12.29
N LEU A 118 9.75 -6.66 12.57
CA LEU A 118 8.99 -5.72 13.37
C LEU A 118 7.85 -5.08 12.57
N ALA A 119 8.04 -4.88 11.26
CA ALA A 119 6.93 -4.44 10.42
C ALA A 119 5.83 -5.49 10.37
N ILE A 120 6.21 -6.77 10.33
CA ILE A 120 5.21 -7.83 10.35
C ILE A 120 4.44 -7.82 11.67
N GLN A 121 5.17 -7.77 12.79
CA GLN A 121 4.51 -7.66 14.10
C GLN A 121 3.57 -6.47 14.13
N THR A 122 3.98 -5.36 13.54
CA THR A 122 3.18 -4.14 13.59
C THR A 122 1.86 -4.31 12.83
N ASN A 123 1.94 -4.81 11.60
CA ASN A 123 0.72 -5.05 10.83
C ASN A 123 -0.15 -6.10 11.51
N ARG A 124 0.46 -7.15 12.08
CA ARG A 124 -0.32 -8.17 12.77
C ARG A 124 -1.01 -7.60 13.99
N ALA A 125 -0.40 -6.62 14.65
CA ALA A 125 -1.06 -5.98 15.79
C ALA A 125 -2.31 -5.22 15.35
N VAL A 126 -2.25 -4.56 14.18
CA VAL A 126 -3.42 -3.85 13.69
C VAL A 126 -4.52 -4.82 13.30
N VAL A 127 -4.15 -5.89 12.59
CA VAL A 127 -5.15 -6.88 12.19
C VAL A 127 -5.80 -7.51 13.43
N GLU A 128 -4.99 -7.85 14.42
CA GLU A 128 -5.55 -8.49 15.62
C GLU A 128 -6.40 -7.50 16.40
N GLY A 129 -5.99 -6.23 16.46
CA GLY A 129 -6.81 -5.22 17.13
C GLY A 129 -8.16 -5.07 16.47
N ILE A 130 -8.22 -5.17 15.15
CA ILE A 130 -9.50 -5.18 14.46
C ILE A 130 -10.28 -6.43 14.79
N ARG A 131 -9.61 -7.59 14.77
CA ARG A 131 -10.27 -8.84 15.10
C ARG A 131 -10.89 -8.78 16.50
N ASN A 132 -10.19 -8.13 17.45
CA ASN A 132 -10.69 -8.04 18.81
C ASN A 132 -11.97 -7.22 18.92
N ARG A 133 -12.32 -6.45 17.88
CA ARG A 133 -13.52 -5.65 17.88
C ARG A 133 -14.60 -6.21 16.98
N LEU A 134 -14.38 -7.38 16.40
CA LEU A 134 -15.41 -8.03 15.58
C LEU A 134 -16.54 -8.50 16.47
N PRO A 135 -17.80 -8.27 16.12
CA PRO A 135 -18.90 -8.83 16.89
C PRO A 135 -19.08 -10.30 16.57
N PRO A 136 -19.67 -11.08 17.49
CA PRO A 136 -19.95 -12.48 17.18
C PRO A 136 -20.93 -12.57 16.02
N GLY A 137 -20.59 -13.45 15.06
CA GLY A 137 -21.33 -13.56 13.83
C GLY A 137 -20.68 -12.89 12.64
N ALA A 138 -19.56 -12.20 12.84
CA ALA A 138 -18.85 -11.59 11.73
C ALA A 138 -18.20 -12.66 10.87
N PRO A 139 -18.10 -12.45 9.57
CA PRO A 139 -17.49 -13.47 8.70
C PRO A 139 -16.09 -13.84 9.16
N ALA A 140 -15.73 -15.10 8.94
CA ALA A 140 -14.38 -15.55 9.22
C ALA A 140 -13.39 -14.77 8.35
N ALA A 141 -12.24 -14.44 8.93
CA ALA A 141 -11.19 -13.66 8.27
C ALA A 141 -11.62 -12.23 7.99
N ALA A 142 -12.73 -11.77 8.56
CA ALA A 142 -13.19 -10.41 8.33
C ALA A 142 -12.11 -9.39 8.70
N GLU A 143 -11.28 -9.68 9.70
CA GLU A 143 -10.27 -8.73 10.13
C GLU A 143 -9.26 -8.47 9.02
N LEU A 144 -8.94 -9.49 8.23
CA LEU A 144 -7.98 -9.31 7.13
C LEU A 144 -8.60 -8.47 6.02
N LEU A 145 -9.87 -8.73 5.70
CA LEU A 145 -10.55 -7.96 4.67
C LEU A 145 -10.63 -6.48 5.06
N LEU A 146 -11.04 -6.20 6.30
CA LEU A 146 -11.14 -4.82 6.76
C LEU A 146 -9.79 -4.14 6.77
N HIS A 147 -8.75 -4.83 7.22
CA HIS A 147 -7.41 -4.27 7.19
C HIS A 147 -6.98 -3.97 5.77
N SER A 148 -7.32 -4.86 4.83
CA SER A 148 -6.95 -4.63 3.43
C SER A 148 -7.66 -3.40 2.89
N VAL A 149 -8.93 -3.21 3.23
CA VAL A 149 -9.66 -2.05 2.72
C VAL A 149 -9.03 -0.76 3.25
N ILE A 150 -8.75 -0.72 4.55
CA ILE A 150 -8.08 0.46 5.11
C ILE A 150 -6.75 0.68 4.42
N THR A 151 -5.90 -0.35 4.38
CA THR A 151 -4.58 -0.24 3.76
C THR A 151 -4.71 0.15 2.29
N GLY A 152 -5.61 -0.53 1.56
CA GLY A 152 -5.70 -0.30 0.13
C GLY A 152 -6.36 1.02 -0.22
N ALA A 153 -7.46 1.35 0.46
CA ALA A 153 -8.11 2.64 0.22
C ALA A 153 -7.19 3.80 0.56
N THR A 154 -6.33 3.63 1.57
CA THR A 154 -5.42 4.69 1.96
C THR A 154 -4.36 4.94 0.88
N MET A 155 -3.77 3.86 0.36
CA MET A 155 -2.80 4.03 -0.73
C MET A 155 -3.50 4.52 -2.00
N GLN A 156 -4.71 4.02 -2.25
CA GLN A 156 -5.54 4.56 -3.32
C GLN A 156 -5.65 6.07 -3.23
N TRP A 157 -5.96 6.58 -2.03
CA TRP A 157 -6.07 8.02 -1.84
C TRP A 157 -4.70 8.69 -1.95
N ALA A 158 -3.67 8.08 -1.37
CA ALA A 158 -2.34 8.68 -1.43
C ALA A 158 -1.88 8.91 -2.86
N VAL A 159 -2.19 7.96 -3.75
CA VAL A 159 -1.82 8.12 -5.15
C VAL A 159 -2.70 9.18 -5.82
N ASP A 160 -4.01 9.10 -5.59
CA ASP A 160 -5.00 9.88 -6.34
C ASP A 160 -5.97 10.53 -5.36
N PRO A 161 -5.51 11.55 -4.63
CA PRO A 161 -6.35 12.14 -3.59
C PRO A 161 -7.50 12.97 -4.12
N ASP A 162 -8.63 12.90 -3.40
CA ASP A 162 -9.71 13.85 -3.52
C ASP A 162 -10.40 13.92 -2.16
N GLY A 163 -10.62 15.14 -1.66
CA GLY A 163 -11.16 15.26 -0.32
C GLY A 163 -10.20 14.73 0.74
N GLU A 164 -10.73 14.51 1.93
CA GLU A 164 -9.92 14.05 3.04
C GLU A 164 -9.76 12.52 2.98
N LEU A 165 -8.59 12.06 3.43
CA LEU A 165 -8.32 10.63 3.44
C LEU A 165 -9.39 9.86 4.19
N ALA A 166 -9.78 10.35 5.38
CA ALA A 166 -10.68 9.59 6.24
C ALA A 166 -12.05 9.42 5.61
N ASP A 167 -12.55 10.47 4.94
CA ASP A 167 -13.83 10.35 4.24
C ASP A 167 -13.73 9.35 3.10
N HIS A 168 -12.62 9.37 2.36
CA HIS A 168 -12.44 8.40 1.28
C HIS A 168 -12.45 6.97 1.82
N VAL A 169 -11.67 6.72 2.88
CA VAL A 169 -11.55 5.36 3.39
C VAL A 169 -12.86 4.92 4.05
N LEU A 170 -13.43 5.76 4.90
CA LEU A 170 -14.61 5.36 5.67
C LEU A 170 -15.85 5.20 4.79
N ALA A 171 -15.89 5.83 3.62
CA ALA A 171 -16.97 5.56 2.68
C ALA A 171 -16.94 4.11 2.24
N GLN A 172 -15.75 3.54 2.06
CA GLN A 172 -15.63 2.15 1.66
C GLN A 172 -15.79 1.21 2.84
N ILE A 173 -15.36 1.63 4.03
CA ILE A 173 -15.59 0.80 5.23
C ILE A 173 -17.09 0.70 5.51
N ALA A 174 -17.81 1.82 5.41
CA ALA A 174 -19.26 1.79 5.61
C ALA A 174 -19.92 0.87 4.59
N ALA A 175 -19.46 0.90 3.35
CA ALA A 175 -20.07 0.07 2.31
C ALA A 175 -19.85 -1.42 2.60
N ILE A 176 -18.65 -1.80 3.05
CA ILE A 176 -18.37 -3.20 3.29
C ILE A 176 -19.03 -3.67 4.58
N LEU A 177 -19.07 -2.81 5.60
CA LEU A 177 -19.79 -3.15 6.82
C LEU A 177 -21.28 -3.36 6.52
N CYS A 178 -21.85 -2.50 5.66
CA CYS A 178 -23.24 -2.66 5.26
C CYS A 178 -23.47 -4.04 4.63
N LEU A 179 -22.48 -4.52 3.87
CA LEU A 179 -22.59 -5.85 3.28
C LEU A 179 -22.32 -6.95 4.31
N MET A 180 -21.43 -6.70 5.27
CA MET A 180 -21.12 -7.71 6.28
C MET A 180 -22.30 -7.96 7.21
N PHE A 181 -23.05 -6.91 7.54
CA PHE A 181 -24.12 -6.98 8.53
C PHE A 181 -25.39 -6.40 7.92
N PRO A 182 -26.05 -7.15 7.03
CA PRO A 182 -27.30 -6.63 6.43
C PRO A 182 -28.36 -6.31 7.46
N GLU A 183 -28.53 -7.14 8.49
CA GLU A 183 -29.53 -6.86 9.52
C GLU A 183 -29.32 -5.49 10.13
N GLN A 184 -28.07 -5.01 10.18
CA GLN A 184 -27.79 -3.70 10.74
C GLN A 184 -28.49 -2.61 9.93
N ASP A 185 -28.79 -1.50 10.60
CA ASP A 185 -29.50 -0.40 9.96
C ASP A 185 -28.62 0.34 8.98
N ASP A 186 -27.91 1.37 9.44
CA ASP A 186 -27.07 2.19 8.59
C ASP A 186 -25.77 2.51 9.32
N PHE A 187 -24.68 2.56 8.57
CA PHE A 187 -23.36 2.92 9.11
C PHE A 187 -23.07 4.36 8.70
N GLN A 188 -23.42 5.30 9.57
CA GLN A 188 -23.23 6.72 9.31
C GLN A 188 -22.05 7.25 10.10
N LEU A 189 -21.53 8.39 9.64
CA LEU A 189 -20.36 8.99 10.27
C LEU A 189 -20.73 9.64 11.60
N LEU A 190 -19.95 9.34 12.64
CA LEU A 190 -20.18 9.92 13.96
C LEU A 190 -19.17 9.35 14.97
N LYS B 7 17.18 -1.17 -32.98
CA LYS B 7 16.43 -1.05 -31.72
C LYS B 7 15.44 0.11 -31.80
N SER B 8 14.19 -0.17 -31.48
CA SER B 8 13.14 0.84 -31.52
C SER B 8 12.96 1.48 -30.15
N ASP B 9 12.34 2.67 -30.15
CA ASP B 9 12.06 3.35 -28.90
C ASP B 9 11.26 2.48 -27.96
N ASP B 10 10.28 1.74 -28.50
CA ASP B 10 9.48 0.86 -27.66
C ASP B 10 10.33 -0.21 -27.02
N GLU B 11 11.29 -0.77 -27.76
CA GLU B 11 12.11 -1.86 -27.23
C GLU B 11 13.01 -1.37 -26.10
N VAL B 12 13.54 -0.15 -26.21
CA VAL B 12 14.38 0.36 -25.13
C VAL B 12 13.55 0.70 -23.91
N LEU B 13 12.30 1.13 -24.10
CA LEU B 13 11.43 1.38 -22.94
C LEU B 13 11.17 0.10 -22.17
N GLU B 14 10.97 -1.02 -22.87
CA GLU B 14 10.84 -2.30 -22.20
C GLU B 14 12.12 -2.67 -21.47
N ALA B 15 13.27 -2.50 -22.13
CA ALA B 15 14.54 -2.73 -21.47
C ALA B 15 14.69 -1.88 -20.22
N ALA B 16 14.26 -0.61 -20.29
CA ALA B 16 14.34 0.25 -19.12
C ALA B 16 13.47 -0.27 -17.99
N THR B 17 12.29 -0.79 -18.31
CA THR B 17 11.44 -1.39 -17.29
C THR B 17 12.18 -2.49 -16.54
N VAL B 18 12.95 -3.32 -17.26
CA VAL B 18 13.75 -4.35 -16.61
C VAL B 18 14.73 -3.72 -15.63
N VAL B 19 15.44 -2.67 -16.07
CA VAL B 19 16.42 -2.03 -15.22
C VAL B 19 15.76 -1.43 -13.99
N LEU B 20 14.61 -0.76 -14.18
CA LEU B 20 13.93 -0.13 -13.06
C LEU B 20 13.56 -1.16 -11.98
N LYS B 21 12.98 -2.29 -12.40
CA LYS B 21 12.58 -3.32 -11.44
C LYS B 21 13.78 -3.98 -10.77
N ARG B 22 14.98 -3.82 -11.33
CA ARG B 22 16.18 -4.46 -10.81
C ARG B 22 17.01 -3.55 -9.92
N CYS B 23 17.26 -2.32 -10.36
CA CYS B 23 18.05 -1.37 -9.59
C CYS B 23 17.19 -0.41 -8.75
N GLY B 24 15.89 -0.35 -8.99
CA GLY B 24 15.05 0.59 -8.31
C GLY B 24 15.14 1.98 -8.93
N PRO B 25 14.24 2.88 -8.51
CA PRO B 25 14.23 4.21 -9.13
C PRO B 25 15.37 5.10 -8.72
N ILE B 26 15.95 4.89 -7.54
CA ILE B 26 17.05 5.73 -7.08
C ILE B 26 18.27 5.53 -7.96
N GLU B 27 18.70 4.29 -8.13
CA GLU B 27 19.87 3.96 -8.92
C GLU B 27 19.56 3.76 -10.41
N PHE B 28 18.36 4.09 -10.84
CA PHE B 28 18.00 4.02 -12.26
C PHE B 28 18.75 5.13 -13.01
N THR B 29 19.51 4.73 -14.03
CA THR B 29 20.31 5.68 -14.79
C THR B 29 20.31 5.29 -16.27
N LEU B 30 20.55 6.28 -17.12
CA LEU B 30 20.71 6.00 -18.55
C LEU B 30 21.86 5.03 -18.78
N SER B 31 22.94 5.16 -17.99
CA SER B 31 24.08 4.27 -18.15
C SER B 31 23.67 2.82 -17.93
N GLY B 32 22.77 2.58 -16.98
CA GLY B 32 22.32 1.22 -16.72
C GLY B 32 21.37 0.71 -17.79
N VAL B 33 20.48 1.58 -18.28
CA VAL B 33 19.57 1.19 -19.35
C VAL B 33 20.36 0.84 -20.61
N ALA B 34 21.48 1.53 -20.84
CA ALA B 34 22.26 1.30 -22.06
C ALA B 34 22.84 -0.10 -22.08
N LYS B 35 23.59 -0.48 -21.04
CA LYS B 35 24.19 -1.81 -20.99
C LYS B 35 23.13 -2.90 -21.10
N GLU B 36 21.92 -2.64 -20.60
CA GLU B 36 20.86 -3.64 -20.67
C GLU B 36 20.40 -3.83 -22.11
N VAL B 37 20.03 -2.75 -22.79
CA VAL B 37 19.54 -2.87 -24.15
C VAL B 37 20.67 -2.97 -25.16
N GLY B 38 21.88 -2.52 -24.81
CA GLY B 38 23.02 -2.66 -25.68
C GLY B 38 23.31 -1.45 -26.54
N LEU B 39 23.13 -0.26 -25.98
CA LEU B 39 23.40 0.98 -26.70
C LEU B 39 24.34 1.88 -25.89
N SER B 40 24.46 3.14 -26.28
CA SER B 40 25.33 4.10 -25.62
C SER B 40 24.51 5.13 -24.88
N ARG B 41 25.14 5.77 -23.89
CA ARG B 41 24.46 6.84 -23.15
C ARG B 41 24.14 8.01 -24.07
N ALA B 42 25.10 8.42 -24.91
CA ALA B 42 24.85 9.50 -25.85
C ALA B 42 23.65 9.19 -26.74
N ALA B 43 23.46 7.92 -27.09
CA ALA B 43 22.31 7.53 -27.90
C ALA B 43 21.01 7.76 -27.14
N LEU B 44 20.99 7.42 -25.84
CA LEU B 44 19.78 7.60 -25.06
C LEU B 44 19.49 9.08 -24.79
N ILE B 45 20.54 9.86 -24.52
CA ILE B 45 20.35 11.29 -24.31
C ILE B 45 19.81 11.94 -25.58
N GLN B 46 20.15 11.39 -26.75
CA GLN B 46 19.62 11.91 -28.00
C GLN B 46 18.15 11.54 -28.17
N ARG B 47 17.78 10.33 -27.76
CA ARG B 47 16.42 9.84 -27.95
C ARG B 47 15.50 10.14 -26.77
N PHE B 48 16.04 10.36 -25.57
CA PHE B 48 15.21 10.59 -24.40
C PHE B 48 15.69 11.73 -23.51
N THR B 49 16.80 12.40 -23.85
CA THR B 49 17.25 13.59 -23.14
C THR B 49 17.83 13.28 -21.76
N ASN B 50 17.01 12.78 -20.83
CA ASN B 50 17.49 12.53 -19.49
C ASN B 50 16.67 11.40 -18.87
N ARG B 51 17.12 10.93 -17.70
CA ARG B 51 16.48 9.80 -17.05
C ARG B 51 15.07 10.14 -16.59
N ASP B 52 14.81 11.42 -16.26
CA ASP B 52 13.47 11.81 -15.85
C ASP B 52 12.48 11.67 -16.99
N THR B 53 12.89 12.05 -18.20
CA THR B 53 12.02 11.94 -19.36
C THR B 53 11.86 10.50 -19.80
N LEU B 54 12.91 9.69 -19.64
CA LEU B 54 12.79 8.26 -19.93
C LEU B 54 11.76 7.60 -19.03
N LEU B 55 11.79 7.92 -17.73
CA LEU B 55 10.80 7.38 -16.81
C LEU B 55 9.41 7.85 -17.16
N VAL B 56 9.27 9.10 -17.61
CA VAL B 56 7.96 9.59 -18.05
C VAL B 56 7.46 8.76 -19.21
N ARG B 57 8.30 8.60 -20.25
CA ARG B 57 7.89 7.82 -21.41
C ARG B 57 7.57 6.38 -21.04
N MET B 58 8.34 5.80 -20.11
CA MET B 58 8.06 4.46 -19.64
C MET B 58 6.68 4.36 -19.00
N MET B 59 6.36 5.27 -18.07
CA MET B 59 5.06 5.23 -17.43
C MET B 59 3.93 5.52 -18.40
N GLU B 60 4.15 6.38 -19.39
CA GLU B 60 3.14 6.62 -20.40
C GLU B 60 2.80 5.32 -21.13
N ARG B 61 3.82 4.58 -21.55
CA ARG B 61 3.60 3.27 -22.16
C ARG B 61 2.94 2.31 -21.19
N GLY B 62 3.27 2.43 -19.90
CA GLY B 62 2.62 1.58 -18.90
C GLY B 62 1.12 1.77 -18.84
N VAL B 63 0.66 3.02 -18.91
CA VAL B 63 -0.78 3.28 -18.91
C VAL B 63 -1.44 2.60 -20.11
N GLU B 64 -0.86 2.77 -21.30
CA GLU B 64 -1.41 2.11 -22.48
C GLU B 64 -1.38 0.60 -22.35
N GLN B 65 -0.32 0.06 -21.74
CA GLN B 65 -0.21 -1.39 -21.57
C GLN B 65 -1.24 -1.91 -20.59
N VAL B 66 -1.51 -1.17 -19.50
CA VAL B 66 -2.56 -1.55 -18.57
C VAL B 66 -3.91 -1.63 -19.31
N ARG B 67 -4.25 -0.56 -20.04
CA ARG B 67 -5.53 -0.54 -20.74
C ARG B 67 -5.62 -1.68 -21.76
N HIS B 68 -4.54 -1.91 -22.51
CA HIS B 68 -4.54 -2.98 -23.50
C HIS B 68 -4.75 -4.34 -22.84
N TYR B 69 -4.08 -4.57 -21.71
CA TYR B 69 -4.18 -5.87 -21.06
C TYR B 69 -5.58 -6.09 -20.47
N LEU B 70 -6.14 -5.07 -19.83
CA LEU B 70 -7.47 -5.21 -19.24
C LEU B 70 -8.54 -5.41 -20.31
N ASN B 71 -8.39 -4.74 -21.46
CA ASN B 71 -9.34 -4.96 -22.55
C ASN B 71 -9.22 -6.35 -23.16
N ALA B 72 -8.11 -7.04 -22.93
CA ALA B 72 -7.91 -8.34 -23.54
C ALA B 72 -8.55 -9.49 -22.77
N ILE B 73 -8.73 -9.33 -21.47
CA ILE B 73 -9.25 -10.41 -20.63
C ILE B 73 -10.70 -10.69 -21.00
N PRO B 74 -11.05 -11.93 -21.38
CA PRO B 74 -12.44 -12.22 -21.73
C PRO B 74 -13.43 -11.78 -20.66
N ILE B 75 -14.67 -11.51 -21.06
CA ILE B 75 -15.73 -11.13 -20.13
C ILE B 75 -16.69 -12.30 -20.02
N GLY B 76 -16.83 -12.85 -18.82
CA GLY B 76 -17.83 -13.85 -18.53
C GLY B 76 -19.13 -13.21 -18.09
N ALA B 77 -20.13 -14.06 -17.83
CA ALA B 77 -21.45 -13.58 -17.46
C ALA B 77 -21.54 -13.30 -15.96
N GLY B 78 -22.12 -12.16 -15.62
CA GLY B 78 -22.54 -11.88 -14.27
C GLY B 78 -21.42 -11.85 -13.25
N PRO B 79 -21.79 -12.00 -11.97
CA PRO B 79 -20.76 -11.97 -10.90
C PRO B 79 -19.65 -12.99 -11.10
N GLN B 80 -19.97 -14.15 -11.69
CA GLN B 80 -18.93 -15.15 -11.95
C GLN B 80 -17.91 -14.62 -12.94
N GLY B 81 -18.36 -13.90 -13.96
CA GLY B 81 -17.44 -13.30 -14.91
C GLY B 81 -16.54 -12.27 -14.26
N LEU B 82 -17.09 -11.47 -13.35
CA LEU B 82 -16.28 -10.53 -12.59
C LEU B 82 -15.24 -11.27 -11.76
N TRP B 83 -15.64 -12.36 -11.10
CA TRP B 83 -14.70 -13.18 -10.34
C TRP B 83 -13.61 -13.72 -11.23
N GLU B 84 -13.98 -14.24 -12.40
CA GLU B 84 -12.99 -14.75 -13.34
C GLU B 84 -12.02 -13.65 -13.76
N PHE B 85 -12.55 -12.47 -14.08
CA PHE B 85 -11.70 -11.35 -14.46
C PHE B 85 -10.69 -11.02 -13.37
N LEU B 86 -11.14 -10.93 -12.13
CA LEU B 86 -10.24 -10.57 -11.04
C LEU B 86 -9.20 -11.65 -10.80
N GLN B 87 -9.55 -12.93 -10.97
CA GLN B 87 -8.56 -13.99 -10.84
C GLN B 87 -7.39 -13.77 -11.81
N VAL B 88 -7.70 -13.52 -13.08
CA VAL B 88 -6.64 -13.34 -14.07
C VAL B 88 -5.79 -12.13 -13.71
N LEU B 89 -6.43 -11.00 -13.42
CA LEU B 89 -5.72 -9.78 -13.07
C LEU B 89 -4.75 -10.02 -11.92
N VAL B 90 -5.24 -10.62 -10.83
CA VAL B 90 -4.40 -10.79 -9.64
C VAL B 90 -3.29 -11.80 -9.91
N ARG B 91 -3.64 -12.93 -10.52
CA ARG B 91 -2.62 -13.95 -10.77
C ARG B 91 -1.56 -13.47 -11.77
N SER B 92 -1.81 -12.36 -12.47
CA SER B 92 -0.81 -11.83 -13.39
C SER B 92 0.38 -11.21 -12.68
N MET B 93 0.23 -10.88 -11.38
CA MET B 93 1.29 -10.22 -10.65
C MET B 93 2.42 -11.22 -10.38
N ASN B 94 3.57 -11.00 -11.03
CA ASN B 94 4.69 -11.91 -10.92
C ASN B 94 5.46 -11.64 -9.64
N THR B 95 5.65 -12.69 -8.84
CA THR B 95 6.45 -12.61 -7.62
C THR B 95 7.67 -13.53 -7.68
N ARG B 96 8.07 -13.96 -8.89
CA ARG B 96 9.26 -14.78 -9.01
C ARG B 96 10.48 -14.08 -8.47
N ASN B 97 10.54 -12.76 -8.58
CA ASN B 97 11.63 -11.95 -8.06
C ASN B 97 11.11 -11.05 -6.94
N ASP B 98 11.99 -10.19 -6.43
CA ASP B 98 11.65 -9.30 -5.32
C ASP B 98 10.51 -8.37 -5.71
N PHE B 99 9.33 -8.60 -5.14
CA PHE B 99 8.17 -7.78 -5.43
C PHE B 99 8.20 -6.44 -4.69
N SER B 100 8.95 -6.33 -3.60
CA SER B 100 8.91 -5.13 -2.78
C SER B 100 9.48 -3.91 -3.48
N VAL B 101 10.34 -4.10 -4.49
CA VAL B 101 10.90 -2.95 -5.20
C VAL B 101 9.80 -2.08 -5.81
N ASN B 102 8.65 -2.66 -6.10
CA ASN B 102 7.56 -1.93 -6.70
C ASN B 102 6.97 -0.88 -5.76
N TYR B 103 7.12 -1.05 -4.45
CA TYR B 103 6.64 -0.03 -3.53
C TYR B 103 7.60 1.15 -3.45
N LEU B 104 8.90 0.91 -3.69
CA LEU B 104 9.82 2.02 -3.84
C LEU B 104 9.55 2.78 -5.13
N ILE B 105 9.29 2.04 -6.22
CA ILE B 105 8.93 2.68 -7.49
C ILE B 105 7.70 3.56 -7.29
N SER B 106 6.67 3.02 -6.63
CA SER B 106 5.46 3.80 -6.39
C SER B 106 5.76 5.06 -5.60
N TRP B 107 6.42 4.92 -4.44
CA TRP B 107 6.73 6.08 -3.63
C TRP B 107 7.51 7.12 -4.43
N TYR B 108 8.54 6.67 -5.16
CA TYR B 108 9.35 7.60 -5.93
C TYR B 108 8.51 8.34 -6.97
N GLU B 109 7.66 7.61 -7.70
CA GLU B 109 6.83 8.25 -8.72
C GLU B 109 5.97 9.36 -8.13
N LEU B 110 5.46 9.16 -6.92
CA LEU B 110 4.58 10.15 -6.33
C LEU B 110 5.31 11.41 -5.90
N GLN B 111 6.64 11.37 -5.80
CA GLN B 111 7.41 12.56 -5.45
C GLN B 111 7.74 13.43 -6.67
N VAL B 112 7.54 12.93 -7.88
CA VAL B 112 7.81 13.66 -9.12
C VAL B 112 6.46 13.98 -9.76
N PRO B 113 6.09 15.26 -9.86
CA PRO B 113 4.72 15.58 -10.32
C PRO B 113 4.29 14.89 -11.61
N GLU B 114 5.12 14.91 -12.65
CA GLU B 114 4.68 14.32 -13.92
C GLU B 114 4.53 12.81 -13.80
N LEU B 115 5.40 12.16 -13.02
CA LEU B 115 5.25 10.73 -12.78
C LEU B 115 4.04 10.46 -11.89
N ARG B 116 3.78 11.35 -10.92
CA ARG B 116 2.60 11.20 -10.07
C ARG B 116 1.32 11.21 -10.91
N THR B 117 1.26 12.09 -11.90
CA THR B 117 0.11 12.12 -12.79
C THR B 117 -0.07 10.79 -13.51
N LEU B 118 1.03 10.16 -13.89
CA LEU B 118 0.96 8.90 -14.61
C LEU B 118 0.64 7.73 -13.68
N ALA B 119 1.06 7.83 -12.42
CA ALA B 119 0.61 6.87 -11.41
C ALA B 119 -0.90 6.96 -11.21
N ILE B 120 -1.43 8.18 -11.21
CA ILE B 120 -2.87 8.37 -11.11
C ILE B 120 -3.58 7.73 -12.29
N GLN B 121 -3.08 7.98 -13.51
CA GLN B 121 -3.72 7.41 -14.69
C GLN B 121 -3.63 5.89 -14.70
N THR B 122 -2.53 5.34 -14.20
CA THR B 122 -2.40 3.89 -14.08
C THR B 122 -3.50 3.32 -13.17
N ASN B 123 -3.67 3.92 -11.99
CA ASN B 123 -4.68 3.43 -11.06
C ASN B 123 -6.09 3.64 -11.59
N ARG B 124 -6.36 4.80 -12.20
CA ARG B 124 -7.70 5.04 -12.72
C ARG B 124 -8.02 4.06 -13.85
N ALA B 125 -7.02 3.65 -14.63
CA ALA B 125 -7.26 2.67 -15.68
C ALA B 125 -7.69 1.32 -15.11
N VAL B 126 -7.04 0.88 -14.03
CA VAL B 126 -7.42 -0.38 -13.41
C VAL B 126 -8.82 -0.26 -12.80
N VAL B 127 -9.07 0.84 -12.07
CA VAL B 127 -10.39 1.05 -11.48
C VAL B 127 -11.46 1.07 -12.56
N GLU B 128 -11.19 1.74 -13.67
CA GLU B 128 -12.15 1.78 -14.77
C GLU B 128 -12.33 0.40 -15.40
N GLY B 129 -11.24 -0.35 -15.53
CA GLY B 129 -11.34 -1.70 -16.05
C GLY B 129 -12.25 -2.58 -15.22
N ILE B 130 -12.17 -2.43 -13.90
CA ILE B 130 -13.03 -3.17 -12.99
C ILE B 130 -14.46 -2.67 -13.08
N ARG B 131 -14.64 -1.34 -13.11
CA ARG B 131 -15.97 -0.77 -13.19
CA ARG B 131 -15.98 -0.78 -13.18
C ARG B 131 -16.74 -1.30 -14.39
N ASN B 132 -16.08 -1.37 -15.55
CA ASN B 132 -16.77 -1.81 -16.76
C ASN B 132 -17.11 -3.29 -16.75
N ARG B 133 -16.52 -4.07 -15.85
CA ARG B 133 -16.86 -5.49 -15.72
C ARG B 133 -17.91 -5.74 -14.63
N LEU B 134 -18.40 -4.69 -13.98
CA LEU B 134 -19.37 -4.87 -12.91
C LEU B 134 -20.70 -5.32 -13.50
N PRO B 135 -21.33 -6.37 -12.96
CA PRO B 135 -22.68 -6.72 -13.40
C PRO B 135 -23.68 -5.71 -12.87
N PRO B 136 -24.91 -5.71 -13.38
CA PRO B 136 -25.94 -4.84 -12.81
C PRO B 136 -26.27 -5.25 -11.38
N GLY B 137 -26.65 -4.26 -10.58
CA GLY B 137 -26.97 -4.48 -9.19
C GLY B 137 -25.81 -4.37 -8.24
N ALA B 138 -24.58 -4.31 -8.74
CA ALA B 138 -23.43 -4.15 -7.86
C ALA B 138 -23.55 -2.85 -7.08
N PRO B 139 -23.03 -2.80 -5.85
CA PRO B 139 -23.11 -1.56 -5.07
C PRO B 139 -22.44 -0.39 -5.78
N ALA B 140 -22.86 0.82 -5.39
CA ALA B 140 -22.25 2.01 -5.94
C ALA B 140 -20.77 2.08 -5.56
N ALA B 141 -19.94 2.48 -6.52
CA ALA B 141 -18.50 2.58 -6.33
C ALA B 141 -17.89 1.24 -5.93
N ALA B 142 -18.53 0.14 -6.32
CA ALA B 142 -17.97 -1.18 -6.05
C ALA B 142 -16.58 -1.33 -6.64
N GLU B 143 -16.30 -0.65 -7.76
CA GLU B 143 -14.98 -0.76 -8.38
C GLU B 143 -13.89 -0.24 -7.43
N LEU B 144 -14.19 0.80 -6.66
CA LEU B 144 -13.19 1.35 -5.75
C LEU B 144 -12.90 0.37 -4.61
N LEU B 145 -13.95 -0.23 -4.05
CA LEU B 145 -13.78 -1.18 -2.95
C LEU B 145 -12.98 -2.39 -3.40
N LEU B 146 -13.27 -2.90 -4.61
CA LEU B 146 -12.53 -4.05 -5.12
C LEU B 146 -11.07 -3.68 -5.36
N HIS B 147 -10.81 -2.52 -5.96
CA HIS B 147 -9.44 -2.09 -6.17
C HIS B 147 -8.70 -1.94 -4.84
N SER B 148 -9.39 -1.44 -3.81
CA SER B 148 -8.77 -1.30 -2.50
C SER B 148 -8.40 -2.66 -1.92
N VAL B 149 -9.24 -3.67 -2.11
CA VAL B 149 -8.95 -4.99 -1.57
C VAL B 149 -7.69 -5.55 -2.22
N ILE B 150 -7.62 -5.50 -3.57
CA ILE B 150 -6.42 -5.97 -4.25
C ILE B 150 -5.20 -5.21 -3.76
N THR B 151 -5.30 -3.86 -3.76
CA THR B 151 -4.17 -3.04 -3.34
C THR B 151 -3.76 -3.36 -1.91
N GLY B 152 -4.72 -3.38 -0.99
CA GLY B 152 -4.39 -3.58 0.42
C GLY B 152 -3.91 -4.99 0.70
N ALA B 153 -4.60 -5.98 0.15
CA ALA B 153 -4.20 -7.37 0.40
C ALA B 153 -2.83 -7.68 -0.18
N THR B 154 -2.47 -7.03 -1.29
CA THR B 154 -1.16 -7.26 -1.87
C THR B 154 -0.05 -6.68 -0.97
N MET B 155 -0.24 -5.46 -0.49
CA MET B 155 0.73 -4.90 0.45
C MET B 155 0.77 -5.70 1.74
N GLN B 156 -0.40 -6.18 2.19
CA GLN B 156 -0.47 -7.11 3.31
C GLN B 156 0.50 -8.26 3.12
N TRP B 157 0.40 -8.95 1.99
CA TRP B 157 1.26 -10.10 1.72
C TRP B 157 2.71 -9.68 1.51
N ALA B 158 2.93 -8.54 0.87
CA ALA B 158 4.30 -8.08 0.63
C ALA B 158 5.05 -7.90 1.94
N VAL B 159 4.37 -7.37 2.96
CA VAL B 159 5.01 -7.21 4.27
C VAL B 159 5.15 -8.55 4.96
N ASP B 160 4.07 -9.35 4.94
CA ASP B 160 3.98 -10.60 5.69
C ASP B 160 3.60 -11.73 4.74
N PRO B 161 4.52 -12.15 3.89
CA PRO B 161 4.18 -13.16 2.88
C PRO B 161 3.92 -14.51 3.51
N ASP B 162 2.84 -15.15 3.08
CA ASP B 162 2.50 -16.51 3.51
C ASP B 162 1.86 -17.19 2.31
N GLY B 163 2.58 -18.13 1.70
CA GLY B 163 2.07 -18.76 0.50
C GLY B 163 2.17 -17.81 -0.70
N GLU B 164 1.38 -18.12 -1.71
CA GLU B 164 1.40 -17.36 -2.94
C GLU B 164 0.62 -16.06 -2.80
N LEU B 165 1.16 -14.99 -3.40
CA LEU B 165 0.48 -13.70 -3.39
C LEU B 165 -0.97 -13.82 -3.84
N ALA B 166 -1.19 -14.47 -4.99
CA ALA B 166 -2.53 -14.55 -5.55
C ALA B 166 -3.49 -15.26 -4.61
N ASP B 167 -3.03 -16.33 -3.95
CA ASP B 167 -3.90 -17.07 -3.05
C ASP B 167 -4.36 -16.17 -1.88
N HIS B 168 -3.43 -15.37 -1.34
CA HIS B 168 -3.80 -14.47 -0.26
C HIS B 168 -4.82 -13.44 -0.73
N VAL B 169 -4.58 -12.81 -1.87
CA VAL B 169 -5.45 -11.74 -2.33
C VAL B 169 -6.83 -12.30 -2.70
N LEU B 170 -6.84 -13.39 -3.48
CA LEU B 170 -8.10 -13.90 -4.03
C LEU B 170 -8.97 -14.53 -2.98
N ALA B 171 -8.41 -15.00 -1.86
CA ALA B 171 -9.24 -15.41 -0.73
C ALA B 171 -10.12 -14.25 -0.25
N GLN B 172 -9.56 -13.04 -0.19
CA GLN B 172 -10.32 -11.89 0.27
C GLN B 172 -11.26 -11.38 -0.82
N ILE B 173 -10.83 -11.43 -2.08
CA ILE B 173 -11.72 -11.06 -3.17
C ILE B 173 -12.95 -11.95 -3.16
N ALA B 174 -12.76 -13.26 -2.99
CA ALA B 174 -13.90 -14.17 -2.91
C ALA B 174 -14.80 -13.82 -1.73
N ALA B 175 -14.19 -13.46 -0.59
CA ALA B 175 -14.98 -13.10 0.58
C ALA B 175 -15.88 -11.90 0.30
N ILE B 176 -15.33 -10.85 -0.33
CA ILE B 176 -16.12 -9.64 -0.53
C ILE B 176 -17.10 -9.82 -1.70
N LEU B 177 -16.75 -10.62 -2.70
CA LEU B 177 -17.70 -10.90 -3.77
C LEU B 177 -18.91 -11.65 -3.23
N CYS B 178 -18.69 -12.60 -2.30
CA CYS B 178 -19.80 -13.29 -1.68
C CYS B 178 -20.72 -12.31 -0.95
N LEU B 179 -20.14 -11.31 -0.28
CA LEU B 179 -20.95 -10.30 0.39
C LEU B 179 -21.67 -9.41 -0.62
N MET B 180 -20.99 -9.00 -1.69
CA MET B 180 -21.62 -8.13 -2.68
C MET B 180 -22.78 -8.84 -3.37
N PHE B 181 -22.61 -10.10 -3.73
CA PHE B 181 -23.58 -10.86 -4.51
C PHE B 181 -24.04 -12.07 -3.72
N PRO B 182 -24.81 -11.85 -2.65
CA PRO B 182 -25.26 -12.98 -1.82
C PRO B 182 -26.23 -13.91 -2.52
N GLU B 183 -26.95 -13.43 -3.53
CA GLU B 183 -27.87 -14.26 -4.29
C GLU B 183 -27.17 -15.28 -5.18
N GLN B 184 -25.84 -15.40 -5.08
CA GLN B 184 -25.08 -16.37 -5.84
C GLN B 184 -24.83 -17.61 -4.97
N ASP B 185 -24.17 -18.61 -5.57
CA ASP B 185 -23.84 -19.83 -4.84
C ASP B 185 -22.61 -19.61 -3.97
N ASP B 186 -21.45 -19.46 -4.61
CA ASP B 186 -20.20 -19.23 -3.88
C ASP B 186 -19.10 -18.97 -4.90
N PHE B 187 -18.01 -18.36 -4.43
CA PHE B 187 -16.86 -18.04 -5.26
C PHE B 187 -15.67 -18.87 -4.77
N GLN B 188 -15.15 -19.72 -5.66
CA GLN B 188 -14.09 -20.66 -5.30
C GLN B 188 -12.93 -20.59 -6.29
C10 CTY C . -2.24 1.95 8.43
C11 CTY C . -0.79 1.78 7.95
C12 CTY C . -0.45 2.25 6.50
C13 CTY C . 1.05 2.13 6.10
O2 CTY C . 1.82 2.99 7.00
C2 CTY C . 3.43 3.44 8.72
C3 CTY C . 3.16 3.40 10.25
C4 CTY C . 1.89 4.23 10.65
C5 CTY C . 1.16 3.73 11.94
C6 CTY C . -0.03 2.73 11.77
C7 CTY C . -1.26 3.42 11.14
C8 CTY C . -2.48 2.48 11.03
C9 CTY C . -2.32 1.47 9.91
O11 CTY C . -2.25 0.27 10.17
C1 CTY C . 2.55 2.41 8.00
O1 CTY C . 2.54 1.22 8.31
O3 CTY C . 4.28 3.86 11.02
O7 CTY C . 0.63 4.86 12.64
C34 CTY C . -3.29 1.16 7.64
C33 CTY C . -3.73 3.34 10.75
C35 CTY C . -1.03 3.64 6.18
O12 CTY C . -0.46 0.39 8.07
O13 CTY C . -1.12 1.32 5.61
C36 CTY C . 1.46 2.43 4.67
C30 CTY C . 4.88 3.20 8.32
C32 CTY C . -0.36 2.14 13.16
O10 CTY C . 0.35 1.66 10.89
C22 CTY C . 1.39 5.27 13.78
C23 CTY C . 1.03 6.73 14.12
C24 CTY C . 1.78 7.20 15.39
C25 CTY C . 1.57 6.19 16.53
C26 CTY C . 1.85 4.75 16.06
O9 CTY C . 1.12 4.41 14.88
N1 CTY C . 1.39 8.57 15.75
C27 CTY C . 1.48 3.79 17.19
O8 CTY C . 1.39 7.57 13.03
C28 CTY C . 2.08 8.99 16.98
C14 CTY C . 5.11 2.78 11.44
C15 CTY C . 6.51 3.34 11.78
C16 CTY C . 6.51 4.10 13.12
C17 CTY C . 5.94 3.20 14.22
C18 CTY C . 4.55 2.68 13.82
O4 CTY C . 4.51 2.06 12.53
O5 CTY C . 5.69 5.27 13.04
O6 CTY C . 5.81 3.94 15.43
C20 CTY C . 6.01 6.24 12.06
C29 CTY C . -0.04 8.79 15.83
C21 CTY C . 4.13 1.63 14.85
C37 CTY C . 2.92 2.06 4.46
C31 CTY C . 2.24 5.73 10.74
C19 CTY C . 7.95 4.47 13.50
C38 CTY C . 1.15 0.63 11.43
H10 CTY C . -2.53 3.00 8.42
H11 CTY C . -0.10 2.28 8.64
H13 CTY C . 1.33 1.08 6.29
H2 CTY C . 3.20 4.45 8.35
H3 CTY C . 3.09 2.35 10.53
H4 CTY C . 1.12 4.16 9.86
H5 CTY C . 1.94 3.26 12.56
H71 CTY C . -1.00 3.76 10.13
H72 CTY C . -1.54 4.28 11.75
H8 CTY C . -2.59 1.94 11.98
H341 CTY C . -4.25 1.14 8.18
H342 CTY C . -3.46 1.63 6.66
H343 CTY C . -2.96 0.13 7.47
H331 CTY C . -4.47 2.73 10.20
H332 CTY C . -3.45 4.21 10.15
H333 CTY C . -4.17 3.67 11.70
H351 CTY C . -0.76 3.94 5.16
H352 CTY C . -2.12 3.62 6.24
H353 CTY C . -0.64 4.39 6.88
HO12 CTY C . -0.51 0.02 7.17
HO13 CTY C . -1.27 1.81 4.79
H361 CTY C . 0.83 1.85 4.00
H362 CTY C . 1.31 3.49 4.48
H301 CTY C . 5.55 3.80 8.94
H302 CTY C . 5.05 3.48 7.27
H303 CTY C . 5.14 2.15 8.44
H321 CTY C . -0.91 1.19 13.04
H322 CTY C . 0.56 1.96 13.71
H323 CTY C . -0.98 2.85 13.71
H22 CTY C . 2.45 5.20 13.53
H23 CTY C . -0.05 6.82 14.28
H24 CTY C . 2.86 7.27 15.20
H251 CTY C . 2.25 6.44 17.35
H252 CTY C . 0.54 6.25 16.87
H26 CTY C . 2.92 4.66 15.84
H271 CTY C . 1.34 4.36 18.12
H272 CTY C . 2.28 3.06 17.31
H273 CTY C . 0.55 3.27 16.93
HO8 CTY C . 1.01 8.45 13.16
H281 CTY C . 2.05 10.09 17.04
H282 CTY C . 3.11 8.66 16.95
H283 CTY C . 1.57 8.56 17.84
H14 CTY C . 5.20 2.07 10.61
H151 CTY C . 6.82 4.02 10.98
H152 CTY C . 7.21 2.50 11.85
H17 CTY C . 6.62 2.36 14.40
H18 CTY C . 3.87 3.53 13.79
HO6 CTY C . 5.60 4.86 15.22
H201 CTY C . 5.45 7.15 12.23
H202 CTY C . 7.08 6.45 12.10
H203 CTY C . 5.77 5.84 11.07
H291 CTY C . -0.23 9.67 16.46
H292 CTY C . -0.53 7.92 16.28
H293 CTY C . -0.44 8.97 14.83
H211 CTY C . 5.00 1.03 15.14
H212 CTY C . 3.73 2.13 15.73
H213 CTY C . 3.37 0.98 14.42
H371 CTY C . 3.17 2.12 3.39
H372 CTY C . 3.09 1.04 4.81
H373 CTY C . 3.56 2.76 5.01
H311 CTY C . 1.34 6.33 10.94
H312 CTY C . 2.95 5.91 11.56
H313 CTY C . 2.69 6.09 9.81
H191 CTY C . 7.94 5.32 14.18
H192 CTY C . 8.43 3.61 13.99
H193 CTY C . 8.51 4.73 12.60
H381 CTY C . 1.90 1.07 12.11
H382 CTY C . 0.53 -0.07 11.98
H383 CTY C . 1.66 0.11 10.62
CAC FLC D . 25.79 6.99 12.55
CA FLC D . 25.02 7.73 11.47
CB FLC D . 25.98 8.12 10.34
CBC FLC D . 25.17 8.48 9.10
CG FLC D . 26.87 9.29 10.75
CGC FLC D . 26.05 10.54 11.10
OA1 FLC D . 26.60 7.62 13.28
OA2 FLC D . 25.61 5.74 12.72
OB1 FLC D . 25.76 8.90 8.05
OB2 FLC D . 23.91 8.35 9.10
OG1 FLC D . 25.82 11.41 10.24
OG2 FLC D . 25.61 10.67 12.28
OHB FLC D . 26.79 7.02 10.04
HA1 FLC D . 24.32 7.16 11.12
HA2 FLC D . 24.63 8.53 11.85
HG1 FLC D . 27.40 9.03 11.51
HG2 FLC D . 27.46 9.51 10.00
HOB FLC D . 27.35 7.23 9.45
C10 CTY E . -2.41 -3.60 -8.40
C11 CTY E . -1.15 -2.69 -8.25
C12 CTY E . -0.30 -2.83 -6.96
C13 CTY E . 1.08 -2.10 -7.00
O2 CTY E . 1.92 -2.85 -7.91
C2 CTY E . 2.85 -3.50 -9.98
C3 CTY E . 2.37 -3.54 -11.44
C4 CTY E . 1.42 -4.77 -11.68
C5 CTY E . 0.32 -4.50 -12.76
C6 CTY E . -1.03 -3.97 -12.17
C7 CTY E . -1.68 -5.05 -11.25
C8 CTY E . -3.09 -4.64 -10.76
C9 CTY E . -3.01 -3.45 -9.82
O11 CTY E . -3.42 -2.36 -10.22
C1 CTY E . 2.25 -2.37 -9.14
O1 CTY E . 2.11 -1.22 -9.53
O3 CTY E . 3.42 -3.60 -12.41
O7 CTY E . 0.03 -5.71 -13.48
C34 CTY E . -3.52 -3.28 -7.40
C33 CTY E . -3.69 -5.86 -10.04
C35 CTY E . -0.14 -4.30 -6.49
O12 CTY E . -1.57 -1.32 -8.40
O13 CTY E . -1.01 -2.15 -5.89
C36 CTY E . 1.83 -1.92 -5.68
C30 CTY E . 4.38 -3.44 -9.84
C32 CTY E . -1.94 -3.59 -13.35
O10 CTY E . -0.77 -2.81 -11.35
C22 CTY E . 0.69 -5.78 -14.73
C23 CTY E . 0.50 -7.20 -15.32
C24 CTY E . 1.24 -7.28 -16.68
C25 CTY E . 0.73 -6.18 -17.60
C26 CTY E . 0.86 -4.80 -16.90
O9 CTY E . 0.20 -4.79 -15.64
N1 CTY E . 1.14 -8.62 -17.27
C27 CTY E . 0.26 -3.74 -17.81
O8 CTY E . 1.02 -8.17 -14.43
C28 CTY E . 2.05 -8.73 -18.42
C14 CTY E . 3.92 -2.31 -12.80
C15 CTY E . 5.21 -2.55 -13.62
C16 CTY E . 4.87 -3.10 -15.02
C17 CTY E . 3.91 -2.13 -15.71
C18 CTY E . 2.66 -1.92 -14.85
O4 CTY E . 2.94 -1.54 -13.49
O5 CTY E . 4.21 -4.39 -14.94
O6 CTY E . 3.51 -2.67 -16.98
C20 CTY E . 5.01 -5.49 -14.55
C29 CTY E . -0.21 -9.02 -17.66
C21 CTY E . 1.84 -0.80 -15.50
C37 CTY E . 2.99 -0.95 -5.86
C31 CTY E . 2.24 -6.06 -11.97
C19 CTY E . 6.15 -3.20 -15.86
C38 CTY E . -0.63 -1.58 -12.01
H10 CTY E . -2.12 -4.65 -8.30
H11 CTY E . -0.49 -2.86 -9.12
H13 CTY E . 0.92 -1.09 -7.40
H2 CTY E . 2.52 -4.45 -9.53
H3 CTY E . 1.93 -2.56 -11.66
H4 CTY E . 0.89 -5.04 -10.76
H5 CTY E . 0.74 -3.80 -13.50
H71 CTY E . -1.03 -5.20 -10.39
H72 CTY E . -1.76 -5.98 -11.82
H8 CTY E . -3.72 -4.35 -11.60
H341 CTY E . -4.46 -3.76 -7.70
H342 CTY E . -3.26 -3.62 -6.40
H343 CTY E . -3.70 -2.19 -7.35
H331 CTY E . -4.61 -5.55 -9.53
H332 CTY E . -2.97 -6.23 -9.31
H333 CTY E . -3.92 -6.63 -10.77
H351 CTY E . -1.12 -4.71 -6.19
H352 CTY E . 0.25 -4.92 -7.29
H353 CTY E . 0.53 -4.36 -5.63
HO12 CTY E . -1.34 -0.89 -7.57
HO13 CTY E . -0.93 -2.71 -5.13
H361 CTY E . 1.15 -1.55 -4.94
H362 CTY E . 2.22 -2.90 -5.38
H301 CTY E . 4.87 -4.01 -10.64
H302 CTY E . 4.70 -3.86 -8.88
H303 CTY E . 4.73 -2.40 -9.89
H321 CTY E . -1.35 -3.08 -14.12
H322 CTY E . -2.39 -4.50 -13.78
H323 CTY E . -2.74 -2.92 -12.99
H22 CTY E . 1.75 -5.59 -14.56
H23 CTY E . -0.56 -7.42 -15.45
H24 CTY E . 2.33 -7.17 -16.55
H251 CTY E . 1.33 -6.17 -18.53
H252 CTY E . -0.32 -6.36 -17.84
H26 CTY E . 1.92 -4.58 -16.74
H271 CTY E . -0.74 -4.04 -18.11
H272 CTY E . 0.89 -3.63 -18.71
H273 CTY E . 0.22 -2.78 -17.28
HO8 CTY E . 0.29 -8.54 -13.90
H281 CTY E . 1.61 -8.23 -19.29
H282 CTY E . 2.22 -9.79 -18.66
H283 CTY E . 3.00 -8.26 -18.18
H14 CTY E . 4.15 -1.74 -11.89
H151 CTY E . 5.84 -3.27 -13.10
H152 CTY E . 5.74 -1.59 -13.73
H17 CTY E . 4.40 -1.17 -15.90
H18 CTY E . 2.10 -2.86 -14.80
HO6 CTY E . 3.82 -3.58 -17.04
H201 CTY E . 5.77 -5.69 -15.32
H202 CTY E . 5.51 -5.26 -13.60
H203 CTY E . 4.38 -6.37 -14.44
H291 CTY E . -0.18 -10.04 -18.07
H292 CTY E . -0.59 -8.32 -18.41
H293 CTY E . -0.85 -9.01 -16.77
H211 CTY E . 1.62 -1.06 -16.53
H212 CTY E . 0.90 -0.66 -14.94
H213 CTY E . 2.42 0.14 -15.49
H371 CTY E . 2.60 0.04 -6.10
H372 CTY E . 3.64 -1.30 -6.67
H373 CTY E . 3.56 -0.91 -4.93
H311 CTY E . 2.92 -5.91 -12.81
H312 CTY E . 2.82 -6.35 -11.10
H313 CTY E . 1.56 -6.90 -12.22
H191 CTY E . 6.96 -3.61 -15.25
H192 CTY E . 5.98 -3.85 -16.72
H193 CTY E . 6.43 -2.20 -16.21
H381 CTY E . -0.12 -0.87 -11.35
H382 CTY E . -0.04 -1.71 -12.92
H383 CTY E . -1.62 -1.19 -12.27
#